data_4PEJ
#
_entry.id   4PEJ
#
_cell.length_a   35.490
_cell.length_b   74.160
_cell.length_c   94.890
_cell.angle_alpha   90.00
_cell.angle_beta   90.00
_cell.angle_gamma   90.00
#
_symmetry.space_group_name_H-M   'P 21 21 21'
#
loop_
_entity.id
_entity.type
_entity.pdbx_description
1 polymer Retro-aldolase
2 water water
#
_entity_poly.entity_id   1
_entity_poly.type   'polypeptide(L)'
_entity_poly.pdbx_seq_one_letter_code
;MNLPTAQEVQGLMARFIELVDVGDIEAIVQMYADDATVESPFGQPPIHGREQIAAHYRQWLGGGKFRVSLTGPVRASHNG
SGAMPLRKEWVWNGQPSALDVILVMRFDEHGRIQTEQRYWSEVNLSVREPQGSLEHHHHHH
;
_entity_poly.pdbx_strand_id   A,B
#
# COMPACT_ATOMS: atom_id res chain seq x y z
N LEU A 3 -15.30 12.58 -4.90
CA LEU A 3 -13.98 11.96 -4.93
C LEU A 3 -13.61 11.48 -6.33
N PRO A 4 -12.31 11.49 -6.66
CA PRO A 4 -11.92 10.96 -7.97
C PRO A 4 -12.25 9.48 -8.11
N THR A 5 -12.64 9.04 -9.31
CA THR A 5 -12.87 7.62 -9.58
C THR A 5 -11.56 6.85 -9.58
N ALA A 6 -11.63 5.54 -9.74
CA ALA A 6 -10.44 4.70 -9.78
C ALA A 6 -9.52 5.06 -10.94
N GLN A 7 -10.09 5.31 -12.13
CA GLN A 7 -9.25 5.71 -13.26
C GLN A 7 -8.57 7.05 -13.01
N GLU A 8 -9.34 7.97 -12.42
CA GLU A 8 -8.82 9.28 -12.09
C GLU A 8 -7.70 9.18 -11.05
N VAL A 9 -7.90 8.36 -10.03
CA VAL A 9 -6.85 8.12 -9.05
C VAL A 9 -5.62 7.58 -9.75
N GLN A 10 -5.78 6.57 -10.61
CA GLN A 10 -4.62 6.07 -11.35
C GLN A 10 -3.87 7.23 -12.05
N GLY A 11 -4.62 8.01 -12.83
CA GLY A 11 -4.02 9.14 -13.53
C GLY A 11 -3.29 10.12 -12.60
N LEU A 12 -3.96 10.48 -11.53
CA LEU A 12 -3.39 11.41 -10.56
C LEU A 12 -2.09 10.88 -9.96
N MET A 13 -2.09 9.62 -9.54
CA MET A 13 -0.89 9.10 -8.88
C MET A 13 0.28 8.95 -9.89
N ALA A 14 -0.06 8.57 -11.13
CA ALA A 14 0.96 8.56 -12.19
C ALA A 14 1.57 9.96 -12.39
N ARG A 15 0.69 10.96 -12.49
N ARG A 15 0.71 10.97 -12.48
CA ARG A 15 1.14 12.35 -12.64
CA ARG A 15 1.20 12.33 -12.66
C ARG A 15 2.05 12.76 -11.49
C ARG A 15 2.06 12.76 -11.49
N PHE A 16 1.64 12.42 -10.27
CA PHE A 16 2.44 12.71 -9.09
C PHE A 16 3.86 12.17 -9.31
N ILE A 17 3.96 10.90 -9.71
CA ILE A 17 5.29 10.34 -9.97
C ILE A 17 6.09 11.16 -11.00
N GLU A 18 5.45 11.50 -12.11
CA GLU A 18 6.13 12.36 -13.09
C GLU A 18 6.68 13.67 -12.47
N LEU A 19 5.84 14.32 -11.66
CA LEU A 19 6.22 15.58 -11.03
C LEU A 19 7.39 15.41 -10.07
N VAL A 20 7.37 14.35 -9.28
CA VAL A 20 8.51 14.12 -8.40
C VAL A 20 9.75 13.79 -9.23
N ASP A 21 9.59 13.03 -10.29
CA ASP A 21 10.73 12.67 -11.10
C ASP A 21 11.37 13.92 -11.71
N VAL A 22 10.59 14.85 -12.26
CA VAL A 22 11.23 16.08 -12.78
C VAL A 22 11.62 17.08 -11.68
N GLY A 23 10.99 16.96 -10.51
CA GLY A 23 11.32 17.80 -9.38
C GLY A 23 10.66 19.17 -9.44
N ASP A 24 9.45 19.23 -9.95
CA ASP A 24 8.72 20.48 -10.03
C ASP A 24 8.00 20.73 -8.71
N ILE A 25 8.65 21.44 -7.81
CA ILE A 25 8.18 21.57 -6.44
C ILE A 25 6.84 22.28 -6.36
N GLU A 26 6.70 23.39 -7.07
CA GLU A 26 5.42 24.11 -7.01
C GLU A 26 4.23 23.25 -7.51
N ALA A 27 4.43 22.55 -8.61
CA ALA A 27 3.41 21.66 -9.16
C ALA A 27 3.09 20.52 -8.18
N ILE A 28 4.12 19.99 -7.55
CA ILE A 28 3.94 18.93 -6.56
C ILE A 28 3.08 19.44 -5.42
N VAL A 29 3.49 20.55 -4.84
CA VAL A 29 2.78 21.11 -3.70
C VAL A 29 1.33 21.41 -4.06
N GLN A 30 1.09 21.92 -5.26
CA GLN A 30 -0.30 22.19 -5.66
C GLN A 30 -1.18 20.94 -5.79
N MET A 31 -0.57 19.77 -5.95
CA MET A 31 -1.36 18.53 -6.00
C MET A 31 -1.86 18.14 -4.62
N TYR A 32 -1.30 18.75 -3.57
CA TYR A 32 -1.74 18.49 -2.22
C TYR A 32 -2.83 19.45 -1.80
N ALA A 33 -3.76 18.96 -1.00
CA ALA A 33 -4.73 19.83 -0.36
C ALA A 33 -3.99 20.89 0.49
N ASP A 34 -4.61 22.03 0.73
CA ASP A 34 -3.92 23.12 1.45
C ASP A 34 -3.55 22.71 2.88
N ASP A 35 -4.35 21.82 3.46
CA ASP A 35 -4.12 21.30 4.81
C ASP A 35 -3.72 19.82 4.82
N ALA A 36 -3.10 19.36 3.75
CA ALA A 36 -2.77 17.95 3.61
C ALA A 36 -1.82 17.48 4.71
N THR A 37 -1.87 16.18 5.00
CA THR A 37 -1.00 15.57 5.98
C THR A 37 -0.17 14.45 5.36
N VAL A 38 1.14 14.49 5.56
CA VAL A 38 2.03 13.45 5.08
C VAL A 38 2.65 12.76 6.28
N GLU A 39 2.32 11.49 6.44
CA GLU A 39 2.76 10.68 7.58
C GLU A 39 4.17 10.14 7.39
N SER A 40 4.87 9.98 8.50
CA SER A 40 6.26 9.55 8.46
C SER A 40 6.42 8.07 8.82
N PRO A 41 7.21 7.33 8.02
CA PRO A 41 7.47 5.93 8.38
C PRO A 41 8.38 5.77 9.60
N PHE A 42 8.89 6.89 10.15
CA PHE A 42 9.84 6.82 11.26
C PHE A 42 9.20 7.19 12.60
N GLY A 43 7.89 7.39 12.60
CA GLY A 43 7.20 7.78 13.82
C GLY A 43 7.51 9.21 14.21
N GLN A 44 8.09 9.97 13.28
CA GLN A 44 8.28 11.40 13.50
C GLN A 44 6.93 12.09 13.32
N PRO A 45 6.84 13.36 13.72
CA PRO A 45 5.56 14.07 13.54
C PRO A 45 5.18 14.17 12.06
N PRO A 46 3.88 14.10 11.74
CA PRO A 46 3.50 14.25 10.34
C PRO A 46 3.82 15.64 9.82
N ILE A 47 4.04 15.77 8.52
CA ILE A 47 4.17 17.07 7.86
C ILE A 47 2.76 17.53 7.52
N HIS A 48 2.38 18.71 7.96
CA HIS A 48 1.02 19.21 7.79
C HIS A 48 0.98 20.54 7.05
N GLY A 49 0.27 20.60 5.94
CA GLY A 49 0.08 21.86 5.24
C GLY A 49 1.08 22.08 4.13
N ARG A 50 0.66 22.85 3.14
CA ARG A 50 1.47 23.04 1.96
C ARG A 50 2.83 23.67 2.22
N GLU A 51 2.94 24.58 3.18
CA GLU A 51 4.23 25.24 3.42
C GLU A 51 5.26 24.25 3.96
N GLN A 52 4.88 23.46 4.96
CA GLN A 52 5.77 22.40 5.44
C GLN A 52 6.09 21.35 4.36
N ILE A 53 5.07 20.96 3.59
CA ILE A 53 5.28 19.99 2.51
C ILE A 53 6.26 20.56 1.52
N ALA A 54 6.05 21.83 1.15
CA ALA A 54 6.98 22.52 0.26
C ALA A 54 8.39 22.51 0.81
N ALA A 55 8.53 22.93 2.06
CA ALA A 55 9.85 23.00 2.67
C ALA A 55 10.52 21.65 2.63
N HIS A 56 9.76 20.60 2.94
CA HIS A 56 10.34 19.27 2.92
C HIS A 56 10.71 18.82 1.51
N TYR A 57 9.87 19.10 0.53
CA TYR A 57 10.23 18.76 -0.85
C TYR A 57 11.43 19.56 -1.32
N ARG A 58 11.54 20.80 -0.87
CA ARG A 58 12.70 21.62 -1.22
C ARG A 58 13.96 21.02 -0.63
N GLN A 59 13.90 20.61 0.64
CA GLN A 59 15.04 19.95 1.27
C GLN A 59 15.38 18.64 0.58
N TRP A 60 14.35 17.85 0.29
CA TRP A 60 14.50 16.51 -0.28
C TRP A 60 15.14 16.56 -1.67
N LEU A 61 14.76 17.57 -2.45
CA LEU A 61 15.32 17.74 -3.78
C LEU A 61 16.48 18.73 -3.77
N LYS A 65 19.72 14.72 -9.82
CA LYS A 65 20.43 13.74 -9.01
C LYS A 65 19.53 12.60 -8.56
N PHE A 66 18.25 12.66 -8.95
CA PHE A 66 17.26 11.67 -8.53
C PHE A 66 16.44 11.13 -9.69
N ARG A 67 16.12 9.84 -9.63
CA ARG A 67 15.14 9.26 -10.52
C ARG A 67 14.08 8.51 -9.73
N VAL A 68 12.81 8.76 -10.04
CA VAL A 68 11.72 8.04 -9.39
C VAL A 68 10.86 7.40 -10.46
N SER A 69 10.56 6.12 -10.29
CA SER A 69 9.67 5.47 -11.23
C SER A 69 8.74 4.46 -10.58
N LEU A 70 7.59 4.25 -11.23
CA LEU A 70 6.67 3.18 -10.88
C LEU A 70 7.31 1.85 -11.16
N THR A 71 7.22 0.94 -10.21
CA THR A 71 7.72 -0.41 -10.42
C THR A 71 6.58 -1.36 -10.75
N GLY A 72 5.36 -0.85 -10.71
CA GLY A 72 4.19 -1.65 -10.99
C GLY A 72 2.97 -0.77 -11.10
N PRO A 73 1.84 -1.36 -11.47
CA PRO A 73 0.62 -0.56 -11.67
C PRO A 73 0.15 0.09 -10.40
N VAL A 74 -0.47 1.25 -10.55
CA VAL A 74 -1.20 1.89 -9.48
C VAL A 74 -2.41 1.03 -9.11
N ARG A 75 -2.65 0.84 -7.81
CA ARG A 75 -3.80 0.14 -7.29
C ARG A 75 -4.78 1.17 -6.76
N ALA A 76 -5.83 1.42 -7.52
CA ALA A 76 -6.81 2.44 -7.17
C ALA A 76 -8.01 1.79 -6.53
N SER A 77 -8.73 2.54 -5.71
CA SER A 77 -9.93 2.05 -5.04
C SER A 77 -11.15 2.84 -5.49
N HIS A 78 -12.30 2.54 -4.88
CA HIS A 78 -13.52 3.31 -5.10
C HIS A 78 -13.78 4.35 -4.01
N ASN A 79 -12.82 4.50 -3.09
CA ASN A 79 -13.00 5.42 -1.97
C ASN A 79 -12.11 6.64 -2.09
N GLY A 80 -11.65 6.93 -3.30
CA GLY A 80 -10.82 8.10 -3.54
C GLY A 80 -9.39 7.93 -3.06
N SER A 81 -8.96 6.68 -2.87
CA SER A 81 -7.59 6.44 -2.45
C SER A 81 -6.90 5.48 -3.38
N GLY A 82 -5.57 5.43 -3.28
CA GLY A 82 -4.82 4.46 -4.05
C GLY A 82 -3.46 4.22 -3.44
N ALA A 83 -2.77 3.20 -3.96
CA ALA A 83 -1.46 2.81 -3.48
C ALA A 83 -0.62 2.47 -4.68
N MET A 84 0.64 2.86 -4.63
CA MET A 84 1.57 2.53 -5.69
C MET A 84 2.96 2.17 -5.21
N PRO A 85 3.60 1.24 -5.92
CA PRO A 85 4.96 0.81 -5.69
C PRO A 85 5.90 1.61 -6.55
N LEU A 86 7.01 2.06 -5.98
CA LEU A 86 7.97 2.81 -6.78
C LEU A 86 9.39 2.57 -6.33
N ARG A 87 10.33 2.96 -7.18
CA ARG A 87 11.74 2.86 -6.88
C ARG A 87 12.39 4.19 -7.17
N LYS A 88 13.15 4.61 -6.18
CA LYS A 88 13.93 5.83 -6.19
C LYS A 88 15.40 5.44 -6.39
N GLU A 89 16.06 6.04 -7.38
CA GLU A 89 17.43 5.70 -7.71
C GLU A 89 18.34 6.94 -7.78
N TRP A 90 19.55 6.77 -7.24
CA TRP A 90 20.55 7.84 -7.26
C TRP A 90 21.95 7.30 -6.96
N GLY A 94 30.06 7.98 -3.19
CA GLY A 94 29.09 8.08 -4.28
C GLY A 94 28.92 6.75 -5.00
N GLN A 95 27.76 6.13 -4.82
CA GLN A 95 27.48 4.81 -5.38
C GLN A 95 26.08 4.76 -6.00
N PRO A 96 25.78 3.69 -6.78
CA PRO A 96 24.45 3.54 -7.39
C PRO A 96 23.40 2.96 -6.45
N SER A 97 22.66 3.84 -5.77
CA SER A 97 21.73 3.42 -4.73
C SER A 97 20.27 3.39 -5.19
N ALA A 98 19.50 2.48 -4.59
CA ALA A 98 18.08 2.38 -4.85
C ALA A 98 17.30 2.28 -3.55
N LEU A 99 16.10 2.83 -3.55
CA LEU A 99 15.18 2.72 -2.44
C LEU A 99 13.80 2.33 -2.96
N ASP A 100 13.24 1.27 -2.39
CA ASP A 100 11.91 0.79 -2.74
C ASP A 100 10.89 1.35 -1.81
N VAL A 101 9.81 1.87 -2.37
CA VAL A 101 8.82 2.59 -1.58
C VAL A 101 7.41 2.22 -2.02
N ILE A 102 6.46 2.31 -1.10
CA ILE A 102 5.05 2.30 -1.47
C ILE A 102 4.40 3.54 -0.88
N LEU A 103 3.63 4.22 -1.73
CA LEU A 103 2.89 5.40 -1.31
C LEU A 103 1.41 5.15 -1.38
N VAL A 104 0.70 5.54 -0.32
CA VAL A 104 -0.72 5.45 -0.25
C VAL A 104 -1.27 6.86 -0.15
N MET A 105 -2.25 7.16 -0.99
CA MET A 105 -2.83 8.49 -1.00
C MET A 105 -4.33 8.44 -0.95
N ARG A 106 -4.88 9.35 -0.15
CA ARG A 106 -6.32 9.60 -0.09
C ARG A 106 -6.57 11.02 -0.58
N PHE A 107 -7.46 11.13 -1.57
CA PHE A 107 -7.75 12.38 -2.26
C PHE A 107 -9.06 12.99 -1.76
N ASP A 108 -9.18 14.31 -1.89
CA ASP A 108 -10.41 15.00 -1.53
C ASP A 108 -11.28 15.20 -2.76
N GLU A 109 -12.34 15.99 -2.59
CA GLU A 109 -13.32 16.23 -3.64
C GLU A 109 -12.75 16.97 -4.85
N HIS A 110 -11.62 17.65 -4.64
CA HIS A 110 -11.04 18.47 -5.69
C HIS A 110 -9.91 17.74 -6.41
N GLY A 111 -9.74 16.46 -6.13
CA GLY A 111 -8.69 15.67 -6.74
C GLY A 111 -7.31 15.98 -6.18
N ARG A 112 -7.26 16.59 -5.00
CA ARG A 112 -5.99 16.87 -4.33
C ARG A 112 -5.70 15.87 -3.20
N ILE A 113 -4.42 15.63 -2.95
CA ILE A 113 -4.00 14.73 -1.89
C ILE A 113 -4.34 15.28 -0.50
N GLN A 114 -5.22 14.56 0.19
CA GLN A 114 -5.65 14.93 1.52
C GLN A 114 -4.73 14.32 2.55
N THR A 115 -4.43 13.04 2.33
N THR A 115 -4.39 13.05 2.33
CA THR A 115 -3.50 12.36 3.24
CA THR A 115 -3.54 12.30 3.24
C THR A 115 -2.60 11.40 2.47
C THR A 115 -2.59 11.42 2.45
N GLU A 116 -1.36 11.31 2.93
CA GLU A 116 -0.38 10.43 2.33
C GLU A 116 0.35 9.60 3.39
N GLN A 117 0.47 8.31 3.11
CA GLN A 117 1.22 7.40 3.95
C GLN A 117 2.39 6.89 3.14
N ARG A 118 3.56 6.82 3.76
CA ARG A 118 4.76 6.40 3.07
C ARG A 118 5.33 5.16 3.73
N TYR A 119 5.57 4.11 2.93
CA TYR A 119 6.12 2.85 3.43
C TYR A 119 7.45 2.53 2.82
N TRP A 120 8.45 2.57 3.71
CA TRP A 120 9.84 2.23 3.46
C TRP A 120 10.64 2.43 4.74
N SER A 121 11.84 1.86 4.76
CA SER A 121 12.81 2.11 5.80
C SER A 121 14.16 1.65 5.27
N GLU A 122 15.17 1.57 6.14
CA GLU A 122 16.51 1.21 5.70
C GLU A 122 16.60 -0.19 5.07
N VAL A 123 15.70 -1.08 5.46
CA VAL A 123 15.70 -2.43 4.88
C VAL A 123 15.31 -2.40 3.41
N ASN A 124 14.75 -1.28 2.96
CA ASN A 124 14.39 -1.11 1.55
C ASN A 124 15.42 -0.36 0.74
N LEU A 125 16.55 -0.05 1.38
CA LEU A 125 17.63 0.67 0.76
C LEU A 125 18.64 -0.31 0.20
N SER A 126 19.10 -0.09 -1.02
CA SER A 126 20.12 -0.94 -1.62
C SER A 126 21.22 -0.03 -2.14
N VAL A 127 22.44 -0.19 -1.63
CA VAL A 127 23.55 0.67 -2.04
C VAL A 127 24.40 -0.02 -3.11
N ARG A 128 24.31 -1.34 -3.19
CA ARG A 128 25.04 -2.11 -4.19
C ARG A 128 26.54 -1.78 -4.18
N LEU B 3 6.17 -2.49 19.08
CA LEU B 3 5.72 -2.98 17.78
C LEU B 3 6.85 -3.70 17.05
N PRO B 4 6.51 -4.58 16.10
CA PRO B 4 7.56 -5.31 15.38
C PRO B 4 8.51 -4.39 14.59
N THR B 5 9.78 -4.76 14.50
CA THR B 5 10.77 -4.00 13.74
C THR B 5 10.54 -4.15 12.25
N ALA B 6 11.21 -3.32 11.45
CA ALA B 6 11.02 -3.36 10.00
C ALA B 6 11.39 -4.72 9.40
N GLN B 7 12.50 -5.30 9.84
CA GLN B 7 12.89 -6.66 9.41
C GLN B 7 11.79 -7.68 9.72
N GLU B 8 11.27 -7.58 10.93
CA GLU B 8 10.23 -8.46 11.41
C GLU B 8 8.97 -8.29 10.58
N VAL B 9 8.64 -7.05 10.26
CA VAL B 9 7.47 -6.78 9.43
C VAL B 9 7.66 -7.41 8.05
N GLN B 10 8.87 -7.28 7.49
CA GLN B 10 9.11 -7.93 6.19
C GLN B 10 8.82 -9.42 6.26
N GLY B 11 9.42 -10.05 7.27
CA GLY B 11 9.24 -11.46 7.50
C GLY B 11 7.77 -11.86 7.67
N LEU B 12 7.07 -11.13 8.53
CA LEU B 12 5.66 -11.41 8.80
C LEU B 12 4.79 -11.27 7.56
N MET B 13 4.98 -10.21 6.79
CA MET B 13 4.12 -10.04 5.65
C MET B 13 4.41 -11.11 4.59
N ALA B 14 5.70 -11.45 4.41
CA ALA B 14 6.00 -12.52 3.48
C ALA B 14 5.35 -13.84 3.96
N ARG B 15 5.44 -14.10 5.26
CA ARG B 15 4.77 -15.28 5.85
C ARG B 15 3.27 -15.29 5.59
N PHE B 16 2.65 -14.13 5.75
CA PHE B 16 1.24 -13.99 5.46
C PHE B 16 0.95 -14.45 4.03
N ILE B 17 1.74 -13.93 3.09
CA ILE B 17 1.59 -14.40 1.71
C ILE B 17 1.70 -15.93 1.57
N GLU B 18 2.76 -16.52 2.14
CA GLU B 18 2.89 -17.98 2.13
C GLU B 18 1.60 -18.67 2.59
N LEU B 19 1.11 -18.22 3.75
CA LEU B 19 -0.08 -18.80 4.38
C LEU B 19 -1.31 -18.70 3.51
N VAL B 20 -1.57 -17.52 2.96
CA VAL B 20 -2.71 -17.37 2.06
C VAL B 20 -2.52 -18.24 0.82
N ASP B 21 -1.30 -18.31 0.31
CA ASP B 21 -1.07 -19.07 -0.91
C ASP B 21 -1.34 -20.56 -0.71
N VAL B 22 -0.91 -21.14 0.41
CA VAL B 22 -1.29 -22.54 0.63
C VAL B 22 -2.79 -22.64 0.88
N GLY B 23 -3.35 -21.62 1.51
CA GLY B 23 -4.79 -21.49 1.67
C GLY B 23 -5.43 -22.21 2.86
N ASP B 24 -4.63 -22.54 3.86
CA ASP B 24 -5.13 -23.18 5.08
C ASP B 24 -5.75 -22.16 6.02
N ILE B 25 -7.07 -22.21 6.18
CA ILE B 25 -7.82 -21.15 6.85
C ILE B 25 -7.49 -20.95 8.33
N GLU B 26 -7.28 -22.02 9.09
CA GLU B 26 -6.97 -21.87 10.51
C GLU B 26 -5.66 -21.14 10.76
N ALA B 27 -4.62 -21.59 10.07
CA ALA B 27 -3.31 -20.96 10.15
C ALA B 27 -3.39 -19.50 9.70
N ILE B 28 -4.21 -19.23 8.70
CA ILE B 28 -4.39 -17.85 8.22
C ILE B 28 -5.03 -17.01 9.30
N VAL B 29 -6.19 -17.45 9.78
CA VAL B 29 -6.98 -16.69 10.73
C VAL B 29 -6.23 -16.48 12.04
N GLN B 30 -5.39 -17.44 12.42
CA GLN B 30 -4.62 -17.26 13.65
C GLN B 30 -3.62 -16.09 13.58
N MET B 31 -3.29 -15.64 12.37
CA MET B 31 -2.32 -14.56 12.24
C MET B 31 -2.95 -13.18 12.52
N TYR B 32 -4.28 -13.14 12.62
CA TYR B 32 -4.99 -11.90 12.94
C TYR B 32 -5.25 -11.73 14.43
N ALA B 33 -5.17 -10.50 14.91
CA ALA B 33 -5.52 -10.18 16.29
C ALA B 33 -7.02 -10.31 16.47
N ASP B 34 -7.46 -10.29 17.73
CA ASP B 34 -8.84 -10.56 18.08
C ASP B 34 -9.80 -9.52 17.51
N ASP B 35 -9.49 -8.25 17.74
CA ASP B 35 -10.31 -7.14 17.28
C ASP B 35 -9.82 -6.59 15.94
N ALA B 36 -9.02 -7.39 15.23
CA ALA B 36 -8.44 -6.96 13.96
C ALA B 36 -9.51 -6.43 13.01
N THR B 37 -9.12 -5.49 12.16
N THR B 37 -9.13 -5.47 12.18
CA THR B 37 -10.05 -4.90 11.20
CA THR B 37 -10.03 -4.92 11.19
C THR B 37 -9.50 -4.97 9.77
C THR B 37 -9.47 -5.11 9.79
N VAL B 38 -10.35 -5.35 8.83
CA VAL B 38 -9.97 -5.51 7.44
C VAL B 38 -10.81 -4.61 6.54
N GLU B 39 -10.14 -3.71 5.81
CA GLU B 39 -10.80 -2.76 4.93
C GLU B 39 -10.60 -3.13 3.46
N SER B 40 -11.70 -3.14 2.71
CA SER B 40 -11.69 -3.40 1.28
C SER B 40 -11.86 -2.07 0.55
N PRO B 41 -11.62 -2.06 -0.76
CA PRO B 41 -11.54 -0.77 -1.47
C PRO B 41 -12.86 -0.23 -2.05
N PHE B 42 -14.00 -0.64 -1.51
CA PHE B 42 -15.31 -0.27 -2.10
C PHE B 42 -16.18 0.59 -1.19
N GLY B 43 -15.59 1.14 -0.14
CA GLY B 43 -16.30 2.09 0.71
C GLY B 43 -17.22 1.43 1.71
N GLN B 44 -17.32 0.11 1.65
CA GLN B 44 -18.09 -0.63 2.64
C GLN B 44 -17.37 -0.52 3.99
N PRO B 45 -18.13 -0.60 5.10
CA PRO B 45 -17.45 -0.54 6.40
C PRO B 45 -16.46 -1.70 6.59
N PRO B 46 -15.45 -1.53 7.45
CA PRO B 46 -14.44 -2.58 7.63
C PRO B 46 -15.01 -3.82 8.31
N ILE B 47 -14.57 -5.01 7.91
CA ILE B 47 -14.89 -6.23 8.64
C ILE B 47 -14.11 -6.20 9.94
N HIS B 48 -14.79 -6.50 11.04
CA HIS B 48 -14.23 -6.36 12.37
C HIS B 48 -14.39 -7.66 13.16
N GLY B 49 -13.31 -8.13 13.79
CA GLY B 49 -13.38 -9.34 14.60
C GLY B 49 -12.88 -10.56 13.86
N ARG B 50 -12.20 -11.43 14.59
CA ARG B 50 -11.59 -12.62 14.00
C ARG B 50 -12.62 -13.59 13.40
N GLU B 51 -13.82 -13.60 13.96
CA GLU B 51 -14.87 -14.49 13.47
C GLU B 51 -15.33 -14.08 12.06
N GLN B 52 -15.60 -12.79 11.88
CA GLN B 52 -16.02 -12.30 10.57
C GLN B 52 -14.92 -12.50 9.54
N ILE B 53 -13.68 -12.26 9.96
CA ILE B 53 -12.56 -12.42 9.06
C ILE B 53 -12.52 -13.89 8.64
N ALA B 54 -12.65 -14.78 9.63
CA ALA B 54 -12.68 -16.21 9.36
C ALA B 54 -13.79 -16.55 8.37
N ALA B 55 -14.99 -16.05 8.62
CA ALA B 55 -16.13 -16.30 7.74
C ALA B 55 -15.84 -15.86 6.31
N HIS B 56 -15.33 -14.65 6.16
CA HIS B 56 -15.04 -14.16 4.82
C HIS B 56 -13.97 -15.02 4.18
N TYR B 57 -12.95 -15.43 4.94
CA TYR B 57 -11.96 -16.35 4.39
C TYR B 57 -12.59 -17.68 3.98
N ARG B 58 -13.53 -18.19 4.78
CA ARG B 58 -14.26 -19.41 4.39
C ARG B 58 -14.90 -19.19 3.04
N GLN B 59 -15.60 -18.06 2.89
CA GLN B 59 -16.22 -17.73 1.60
C GLN B 59 -15.20 -17.67 0.45
N TRP B 60 -14.14 -16.87 0.62
CA TRP B 60 -13.19 -16.66 -0.47
C TRP B 60 -12.37 -17.91 -0.82
N LEU B 61 -12.06 -18.73 0.19
CA LEU B 61 -11.18 -19.89 0.02
C LEU B 61 -11.93 -21.21 -0.18
N GLY B 62 -13.26 -21.15 -0.27
CA GLY B 62 -14.08 -22.34 -0.34
C GLY B 62 -13.64 -23.40 -1.34
N GLY B 63 -13.48 -23.01 -2.60
CA GLY B 63 -13.09 -23.94 -3.65
C GLY B 63 -12.43 -23.25 -4.82
N GLY B 64 -11.75 -24.03 -5.65
CA GLY B 64 -11.06 -23.52 -6.81
C GLY B 64 -9.58 -23.31 -6.56
N LYS B 65 -8.79 -23.46 -7.61
CA LYS B 65 -7.33 -23.31 -7.51
C LYS B 65 -6.93 -21.86 -7.77
N PHE B 66 -6.10 -21.31 -6.88
CA PHE B 66 -5.64 -19.94 -7.00
C PHE B 66 -4.17 -19.81 -6.60
N ARG B 67 -3.57 -18.68 -6.95
CA ARG B 67 -2.18 -18.41 -6.61
C ARG B 67 -2.06 -16.96 -6.15
N VAL B 68 -1.36 -16.75 -5.04
CA VAL B 68 -1.08 -15.40 -4.56
C VAL B 68 0.42 -15.27 -4.44
N SER B 69 1.00 -14.30 -5.15
CA SER B 69 2.44 -14.13 -5.08
C SER B 69 2.84 -12.68 -4.85
N LEU B 70 3.97 -12.55 -4.14
CA LEU B 70 4.68 -11.29 -3.97
C LEU B 70 5.34 -10.87 -5.25
N THR B 71 5.06 -9.66 -5.68
CA THR B 71 5.57 -9.16 -6.94
C THR B 71 6.69 -8.15 -6.74
N GLY B 72 7.02 -7.89 -5.47
CA GLY B 72 8.14 -7.03 -5.17
C GLY B 72 8.43 -7.11 -3.70
N PRO B 73 9.46 -6.39 -3.26
CA PRO B 73 9.83 -6.46 -1.85
C PRO B 73 8.78 -5.84 -0.95
N VAL B 74 8.70 -6.37 0.27
CA VAL B 74 7.87 -5.76 1.28
C VAL B 74 8.51 -4.46 1.72
N ARG B 75 7.68 -3.42 1.75
CA ARG B 75 8.06 -2.12 2.28
C ARG B 75 7.65 -2.07 3.74
N ALA B 76 8.61 -1.88 4.64
CA ALA B 76 8.32 -1.83 6.06
C ALA B 76 8.71 -0.51 6.69
N SER B 77 7.87 -0.03 7.60
CA SER B 77 8.16 1.19 8.37
C SER B 77 8.73 0.86 9.74
N HIS B 78 8.96 1.88 10.55
CA HIS B 78 9.33 1.71 11.96
C HIS B 78 8.08 1.83 12.83
N ASN B 79 6.91 1.87 12.18
CA ASN B 79 5.66 2.10 12.90
C ASN B 79 4.93 0.80 13.21
N GLY B 80 5.57 -0.33 12.94
CA GLY B 80 4.92 -1.62 13.10
C GLY B 80 4.06 -1.99 11.91
N SER B 81 4.28 -1.30 10.80
CA SER B 81 3.41 -1.48 9.65
C SER B 81 4.24 -1.69 8.42
N GLY B 82 3.57 -2.15 7.36
CA GLY B 82 4.23 -2.37 6.12
C GLY B 82 3.23 -2.46 4.98
N ALA B 83 3.77 -2.51 3.77
CA ALA B 83 2.96 -2.58 2.59
C ALA B 83 3.65 -3.47 1.58
N MET B 84 2.84 -4.21 0.81
CA MET B 84 3.40 -5.09 -0.22
C MET B 84 2.52 -5.22 -1.45
N PRO B 85 3.17 -5.38 -2.62
CA PRO B 85 2.51 -5.57 -3.89
C PRO B 85 2.37 -7.05 -4.16
N LEU B 86 1.19 -7.47 -4.60
N LEU B 86 1.20 -7.44 -4.64
CA LEU B 86 0.96 -8.87 -4.91
CA LEU B 86 0.87 -8.83 -4.88
C LEU B 86 0.04 -9.05 -6.10
C LEU B 86 0.21 -8.99 -6.23
N ARG B 87 0.12 -10.24 -6.68
CA ARG B 87 -0.71 -10.62 -7.80
C ARG B 87 -1.45 -11.89 -7.42
N LYS B 88 -2.77 -11.86 -7.57
CA LYS B 88 -3.64 -13.01 -7.35
C LYS B 88 -4.09 -13.54 -8.71
N GLU B 89 -3.95 -14.85 -8.90
CA GLU B 89 -4.33 -15.50 -10.15
C GLU B 89 -5.30 -16.62 -9.86
N TRP B 90 -6.37 -16.71 -10.65
CA TRP B 90 -7.34 -17.78 -10.47
C TRP B 90 -8.13 -18.03 -11.74
N VAL B 91 -9.11 -18.94 -11.66
CA VAL B 91 -10.00 -19.21 -12.78
C VAL B 91 -11.41 -18.77 -12.39
N TRP B 92 -11.89 -17.74 -13.06
CA TRP B 92 -13.19 -17.18 -12.74
C TRP B 92 -14.26 -17.72 -13.69
N ASN B 93 -15.05 -18.65 -13.17
CA ASN B 93 -16.10 -19.37 -13.91
C ASN B 93 -16.00 -19.23 -15.43
N GLY B 94 -14.92 -19.78 -15.98
CA GLY B 94 -14.75 -19.84 -17.42
C GLY B 94 -13.49 -19.17 -17.93
N GLN B 95 -13.05 -18.11 -17.27
CA GLN B 95 -11.88 -17.36 -17.73
C GLN B 95 -10.80 -17.26 -16.65
N PRO B 96 -9.59 -17.74 -16.94
CA PRO B 96 -8.46 -17.46 -16.03
C PRO B 96 -8.18 -15.97 -15.91
N SER B 97 -8.09 -15.48 -14.68
CA SER B 97 -7.96 -14.05 -14.39
C SER B 97 -6.81 -13.74 -13.43
N ALA B 98 -6.35 -12.48 -13.47
CA ALA B 98 -5.31 -11.98 -12.59
C ALA B 98 -5.73 -10.65 -11.98
N LEU B 99 -5.31 -10.41 -10.74
CA LEU B 99 -5.60 -9.16 -10.05
C LEU B 99 -4.36 -8.68 -9.34
N ASP B 100 -4.02 -7.42 -9.56
CA ASP B 100 -2.92 -6.75 -8.90
C ASP B 100 -3.44 -6.03 -7.69
N VAL B 101 -2.79 -6.23 -6.56
CA VAL B 101 -3.27 -5.74 -5.28
C VAL B 101 -2.12 -5.20 -4.47
N ILE B 102 -2.38 -4.18 -3.66
CA ILE B 102 -1.44 -3.81 -2.61
C ILE B 102 -2.13 -3.99 -1.29
N LEU B 103 -1.42 -4.66 -0.38
CA LEU B 103 -1.87 -4.85 1.00
C LEU B 103 -1.00 -4.02 1.96
N VAL B 104 -1.68 -3.30 2.85
CA VAL B 104 -1.05 -2.52 3.91
C VAL B 104 -1.46 -3.14 5.22
N MET B 105 -0.49 -3.41 6.08
CA MET B 105 -0.76 -4.07 7.35
C MET B 105 -0.09 -3.36 8.50
N ARG B 106 -0.80 -3.32 9.61
CA ARG B 106 -0.30 -2.78 10.87
C ARG B 106 -0.40 -3.89 11.88
N PHE B 107 0.71 -4.21 12.54
CA PHE B 107 0.78 -5.32 13.46
C PHE B 107 0.71 -4.84 14.91
N ASP B 108 0.18 -5.68 15.81
CA ASP B 108 0.26 -5.37 17.23
C ASP B 108 1.59 -5.89 17.79
N GLU B 109 1.81 -5.69 19.09
CA GLU B 109 3.09 -6.05 19.71
C GLU B 109 3.31 -7.55 19.74
N HIS B 110 2.25 -8.31 19.51
CA HIS B 110 2.35 -9.77 19.49
C HIS B 110 2.57 -10.31 18.08
N GLY B 111 2.77 -9.42 17.12
CA GLY B 111 3.06 -9.84 15.76
C GLY B 111 1.81 -10.31 15.02
N ARG B 112 0.64 -10.00 15.59
CA ARG B 112 -0.63 -10.29 14.93
C ARG B 112 -1.12 -9.07 14.13
N ILE B 113 -1.86 -9.32 13.06
CA ILE B 113 -2.42 -8.25 12.25
C ILE B 113 -3.50 -7.49 13.04
N GLN B 114 -3.28 -6.20 13.23
CA GLN B 114 -4.26 -5.32 13.88
C GLN B 114 -5.19 -4.69 12.84
N THR B 115 -4.60 -4.18 11.76
N THR B 115 -4.59 -4.18 11.76
CA THR B 115 -5.37 -3.61 10.68
CA THR B 115 -5.35 -3.57 10.69
C THR B 115 -4.81 -4.07 9.36
C THR B 115 -4.80 -4.02 9.35
N GLU B 116 -5.69 -4.26 8.40
CA GLU B 116 -5.30 -4.62 7.05
C GLU B 116 -6.14 -3.78 6.11
N GLN B 117 -5.47 -3.15 5.15
CA GLN B 117 -6.12 -2.39 4.10
C GLN B 117 -5.77 -2.99 2.75
N ARG B 118 -6.76 -3.17 1.90
CA ARG B 118 -6.57 -3.71 0.56
C ARG B 118 -6.79 -2.66 -0.51
N TYR B 119 -5.86 -2.55 -1.47
CA TYR B 119 -5.98 -1.58 -2.55
C TYR B 119 -6.02 -2.28 -3.88
N TRP B 120 -7.14 -2.11 -4.59
CA TRP B 120 -7.34 -2.62 -5.93
C TRP B 120 -8.72 -2.20 -6.40
N SER B 121 -8.91 -2.26 -7.72
CA SER B 121 -10.24 -2.10 -8.34
C SER B 121 -10.25 -2.77 -9.70
N GLU B 122 -11.30 -2.53 -10.50
CA GLU B 122 -11.47 -3.24 -11.76
C GLU B 122 -10.35 -2.97 -12.75
N VAL B 123 -9.71 -1.82 -12.63
CA VAL B 123 -8.61 -1.45 -13.51
C VAL B 123 -7.40 -2.37 -13.28
N ASN B 124 -7.35 -3.02 -12.12
CA ASN B 124 -6.25 -3.94 -11.80
C ASN B 124 -6.54 -5.37 -12.16
N LEU B 125 -7.68 -5.57 -12.82
CA LEU B 125 -8.11 -6.89 -13.23
C LEU B 125 -7.66 -7.15 -14.68
N SER B 126 -7.18 -8.37 -14.92
CA SER B 126 -6.81 -8.81 -16.25
C SER B 126 -7.44 -10.16 -16.55
N VAL B 127 -8.23 -10.21 -17.62
CA VAL B 127 -8.93 -11.43 -18.01
C VAL B 127 -8.63 -11.75 -19.47
#